data_8DCE
#
_entry.id   8DCE
#
_cell.length_a   81.630
_cell.length_b   97.310
_cell.length_c   141.180
_cell.angle_alpha   90.000
_cell.angle_beta   90.000
_cell.angle_gamma   90.000
#
_symmetry.space_group_name_H-M   'I 2 2 2'
#
loop_
_entity.id
_entity.type
_entity.pdbx_description
1 polymer 'C144 scFv'
2 polymer 'Spike protein S1'
3 water water
#
loop_
_entity_poly.entity_id
_entity_poly.type
_entity_poly.pdbx_seq_one_letter_code
_entity_poly.pdbx_strand_id
1 'polypeptide(L)'
;ETEVQLVESGGGLIQPGGSLRLSCAASGFTVSNNYMSWVRQAPGKGLEWVSVIYSGGSTYYADSVKGRFTISRDKSKNTL
YLQMNRLRAEDTAVYYCAREGEVEGYNDFWSGYSRDRYYFDYWGQGTLVTVSSGGGGSGGGGSGGGGSGGGGSGGGGSQS
ALTQPASVSGSPGQSITISCTGTSSDVGGYNYVSWYQQHPGKAPKLMIYDVSNRPSGVSNRFSGSKSGNTASLTISGLQA
EDEADYYCSSYTSSSTRVFGTGTKVTVLGTHHHHHH
;
H
2 'polypeptide(L)'
;ETGMNLCPFGEVFNATRFPSVYAWNRKRISNCYYDYSVLYNSASFSTFKCYGVSPTKLNDLCFTQVFADSFVIRGDEVRQ
IAPGQTGKIADYNYKLPDDFTGCVIAWNSNNLDSKVGGNYNYLYRLFRKSNLKPFERDTSTEIYQAGSTPCNGVEGFNCY
FPLQSYGFQPTNGVGYQPYRVVVLSFELLDAPPTVCGTGGGGSKHHHHHH
;
A
#
# COMPACT_ATOMS: atom_id res chain seq x y z
N GLU A 3 -3.91 7.52 -11.33
CA GLU A 3 -5.38 7.40 -11.57
C GLU A 3 -5.90 6.07 -11.03
N VAL A 4 -6.51 6.11 -9.85
CA VAL A 4 -6.97 4.89 -9.21
C VAL A 4 -8.31 4.46 -9.81
N GLN A 5 -8.43 3.17 -10.07
CA GLN A 5 -9.65 2.61 -10.64
C GLN A 5 -9.82 1.18 -10.15
N LEU A 6 -11.06 0.81 -9.87
CA LEU A 6 -11.42 -0.55 -9.47
C LEU A 6 -12.57 -1.00 -10.34
N VAL A 7 -12.35 -2.04 -11.15
CA VAL A 7 -13.34 -2.48 -12.13
C VAL A 7 -13.69 -3.93 -11.81
N GLU A 8 -14.97 -4.17 -11.53
CA GLU A 8 -15.45 -5.47 -11.09
C GLU A 8 -16.16 -6.22 -12.21
N SER A 9 -16.14 -7.53 -12.11
CA SER A 9 -16.79 -8.40 -13.09
C SER A 9 -17.06 -9.75 -12.44
N GLY A 10 -17.87 -10.55 -13.13
CA GLY A 10 -18.18 -11.91 -12.69
C GLY A 10 -19.58 -12.09 -12.15
N GLY A 11 -20.35 -11.02 -12.00
CA GLY A 11 -21.70 -11.16 -11.48
C GLY A 11 -22.61 -11.92 -12.43
N GLY A 12 -23.64 -12.52 -11.85
CA GLY A 12 -24.60 -13.27 -12.64
C GLY A 12 -25.67 -13.87 -11.77
N LEU A 13 -26.61 -14.53 -12.42
CA LEU A 13 -27.70 -15.24 -11.75
C LEU A 13 -27.33 -16.71 -11.66
N ILE A 14 -27.32 -17.26 -10.45
CA ILE A 14 -26.94 -18.65 -10.22
C ILE A 14 -27.89 -19.27 -9.21
N GLN A 15 -27.99 -20.60 -9.26
CA GLN A 15 -28.93 -21.32 -8.41
C GLN A 15 -28.40 -21.43 -6.99
N PRO A 16 -29.28 -21.57 -6.00
CA PRO A 16 -28.82 -21.78 -4.62
C PRO A 16 -27.89 -22.98 -4.55
N GLY A 17 -26.88 -22.88 -3.70
CA GLY A 17 -25.88 -23.91 -3.56
C GLY A 17 -24.75 -23.85 -4.56
N GLY A 18 -24.86 -23.01 -5.59
CA GLY A 18 -23.82 -22.90 -6.60
C GLY A 18 -22.64 -22.09 -6.12
N SER A 19 -21.70 -21.88 -7.05
CA SER A 19 -20.48 -21.13 -6.78
C SER A 19 -20.31 -20.04 -7.83
N LEU A 20 -19.55 -19.02 -7.46
CA LEU A 20 -19.28 -17.91 -8.35
C LEU A 20 -18.03 -17.20 -7.86
N ARG A 21 -17.19 -16.73 -8.78
CA ARG A 21 -16.02 -15.95 -8.45
C ARG A 21 -16.17 -14.55 -9.04
N LEU A 22 -16.06 -13.54 -8.18
CA LEU A 22 -16.03 -12.15 -8.62
C LEU A 22 -14.59 -11.67 -8.73
N SER A 23 -14.35 -10.78 -9.68
CA SER A 23 -13.05 -10.18 -9.89
C SER A 23 -13.15 -8.67 -9.69
N CYS A 24 -12.03 -8.08 -9.26
CA CYS A 24 -11.91 -6.63 -9.06
C CYS A 24 -10.53 -6.26 -9.56
N ALA A 25 -10.45 -5.77 -10.80
CA ALA A 25 -9.19 -5.41 -11.41
C ALA A 25 -8.82 -3.97 -11.01
N ALA A 26 -7.64 -3.82 -10.41
CA ALA A 26 -7.19 -2.52 -9.93
C ALA A 26 -6.17 -1.92 -10.89
N SER A 27 -6.15 -0.59 -10.93
CA SER A 27 -5.13 0.15 -11.67
C SER A 27 -4.86 1.44 -10.94
N GLY A 28 -3.66 1.99 -11.15
CA GLY A 28 -3.21 3.17 -10.46
C GLY A 28 -2.58 2.91 -9.11
N PHE A 29 -2.60 1.66 -8.64
CA PHE A 29 -1.98 1.29 -7.38
C PHE A 29 -1.84 -0.23 -7.37
N THR A 30 -1.05 -0.73 -6.41
CA THR A 30 -0.82 -2.16 -6.23
C THR A 30 -1.78 -2.70 -5.18
N VAL A 31 -2.53 -3.75 -5.54
CA VAL A 31 -3.55 -4.27 -4.64
C VAL A 31 -2.94 -4.71 -3.31
N SER A 32 -1.67 -5.10 -3.30
CA SER A 32 -1.03 -5.53 -2.07
C SER A 32 -0.59 -4.37 -1.18
N ASN A 33 -0.54 -3.14 -1.72
CA ASN A 33 -0.11 -1.97 -0.96
C ASN A 33 -1.21 -1.34 -0.13
N ASN A 34 -2.45 -1.77 -0.31
CA ASN A 34 -3.59 -1.26 0.42
C ASN A 34 -4.43 -2.42 0.90
N TYR A 35 -5.11 -2.24 2.02
CA TYR A 35 -6.07 -3.23 2.49
C TYR A 35 -7.30 -3.21 1.58
N MET A 36 -7.66 -4.38 1.06
CA MET A 36 -8.74 -4.52 0.09
C MET A 36 -9.91 -5.26 0.72
N SER A 37 -11.12 -4.74 0.53
CA SER A 37 -12.32 -5.32 1.11
C SER A 37 -13.37 -5.56 0.04
N TRP A 38 -14.29 -6.47 0.34
CA TRP A 38 -15.54 -6.62 -0.39
C TRP A 38 -16.67 -6.14 0.50
N VAL A 39 -17.58 -5.36 -0.08
CA VAL A 39 -18.75 -4.82 0.61
C VAL A 39 -19.95 -5.08 -0.28
N ARG A 40 -21.02 -5.60 0.30
CA ARG A 40 -22.20 -5.96 -0.48
C ARG A 40 -23.43 -5.20 0.02
N GLN A 41 -24.46 -5.18 -0.82
CA GLN A 41 -25.67 -4.40 -0.55
C GLN A 41 -26.83 -5.13 -1.17
N ALA A 42 -27.68 -5.74 -0.34
CA ALA A 42 -28.87 -6.40 -0.85
C ALA A 42 -29.82 -5.37 -1.45
N PRO A 43 -30.68 -5.80 -2.39
CA PRO A 43 -31.60 -4.84 -3.02
C PRO A 43 -32.42 -4.05 -2.02
N GLY A 44 -32.27 -2.73 -2.02
CA GLY A 44 -33.02 -1.87 -1.14
C GLY A 44 -32.55 -1.83 0.30
N LYS A 45 -31.40 -2.42 0.61
CA LYS A 45 -30.89 -2.50 1.97
C LYS A 45 -29.57 -1.74 2.06
N GLY A 46 -28.90 -1.87 3.22
CA GLY A 46 -27.70 -1.12 3.49
C GLY A 46 -26.43 -1.87 3.15
N LEU A 47 -25.31 -1.17 3.30
CA LEU A 47 -24.00 -1.76 3.03
C LEU A 47 -23.63 -2.74 4.13
N GLU A 48 -23.05 -3.87 3.74
CA GLU A 48 -22.55 -4.88 4.67
C GLU A 48 -21.13 -5.22 4.27
N TRP A 49 -20.18 -4.95 5.16
CA TRP A 49 -18.81 -5.41 4.97
C TRP A 49 -18.74 -6.92 5.21
N VAL A 50 -17.98 -7.62 4.37
CA VAL A 50 -17.94 -9.08 4.48
C VAL A 50 -16.53 -9.66 4.54
N SER A 51 -15.53 -8.97 3.97
CA SER A 51 -14.19 -9.54 4.00
C SER A 51 -13.14 -8.50 3.65
N VAL A 52 -11.91 -8.77 4.08
CA VAL A 52 -10.77 -7.89 3.84
C VAL A 52 -9.51 -8.74 3.74
N ILE A 53 -8.53 -8.26 2.97
CA ILE A 53 -7.22 -8.88 2.87
C ILE A 53 -6.15 -7.83 3.12
N TYR A 54 -5.22 -8.14 4.02
CA TYR A 54 -4.18 -7.21 4.45
C TYR A 54 -2.94 -7.38 3.59
N SER A 55 -2.01 -6.43 3.74
CA SER A 55 -0.82 -6.40 2.88
C SER A 55 -0.02 -7.70 2.97
N GLY A 56 0.07 -8.27 4.16
CA GLY A 56 0.80 -9.51 4.34
C GLY A 56 0.05 -10.76 3.93
N GLY A 57 -1.20 -10.62 3.50
CA GLY A 57 -2.01 -11.74 3.08
C GLY A 57 -3.07 -12.17 4.08
N SER A 58 -3.04 -11.64 5.30
CA SER A 58 -4.03 -12.01 6.30
C SER A 58 -5.43 -11.61 5.84
N THR A 59 -6.39 -12.50 6.11
CA THR A 59 -7.78 -12.27 5.72
C THR A 59 -8.68 -12.34 6.96
N TYR A 60 -9.69 -11.49 6.98
CA TYR A 60 -10.70 -11.47 8.03
C TYR A 60 -12.08 -11.38 7.39
N TYR A 61 -13.07 -11.97 8.05
CA TYR A 61 -14.37 -12.17 7.46
C TYR A 61 -15.48 -11.79 8.43
N ALA A 62 -16.62 -11.40 7.85
CA ALA A 62 -17.85 -11.27 8.61
C ALA A 62 -18.45 -12.65 8.86
N ASP A 63 -19.06 -12.81 10.03
CA ASP A 63 -19.66 -14.10 10.38
C ASP A 63 -20.66 -14.55 9.31
N SER A 64 -21.31 -13.62 8.64
CA SER A 64 -22.34 -13.97 7.67
C SER A 64 -21.80 -14.76 6.48
N VAL A 65 -20.50 -14.72 6.22
CA VAL A 65 -19.92 -15.40 5.07
C VAL A 65 -18.82 -16.38 5.46
N LYS A 66 -18.49 -16.49 6.75
CA LYS A 66 -17.43 -17.39 7.17
C LYS A 66 -17.73 -18.82 6.74
N GLY A 67 -16.68 -19.52 6.29
CA GLY A 67 -16.82 -20.88 5.84
C GLY A 67 -17.41 -21.05 4.46
N ARG A 68 -17.77 -19.96 3.79
CA ARG A 68 -18.33 -20.02 2.44
C ARG A 68 -17.61 -19.12 1.45
N PHE A 69 -17.25 -17.91 1.85
CA PHE A 69 -16.59 -16.96 0.96
C PHE A 69 -15.10 -16.89 1.29
N THR A 70 -14.29 -16.71 0.24
CA THR A 70 -12.84 -16.58 0.38
C THR A 70 -12.38 -15.38 -0.44
N ILE A 71 -11.64 -14.48 0.20
CA ILE A 71 -11.04 -13.33 -0.46
C ILE A 71 -9.59 -13.66 -0.76
N SER A 72 -9.13 -13.30 -1.96
CA SER A 72 -7.76 -13.56 -2.38
C SER A 72 -7.37 -12.53 -3.43
N ARG A 73 -6.12 -12.60 -3.86
CA ARG A 73 -5.62 -11.67 -4.86
C ARG A 73 -4.56 -12.36 -5.70
N ASP A 74 -4.40 -11.87 -6.93
CA ASP A 74 -3.33 -12.26 -7.82
C ASP A 74 -2.49 -11.02 -8.09
N LYS A 75 -1.28 -10.97 -7.52
CA LYS A 75 -0.45 -9.78 -7.63
C LYS A 75 0.03 -9.59 -9.07
N SER A 76 0.25 -10.67 -9.82
CA SER A 76 0.70 -10.52 -11.20
C SER A 76 -0.39 -9.91 -12.08
N LYS A 77 -1.66 -10.12 -11.73
CA LYS A 77 -2.78 -9.54 -12.46
C LYS A 77 -3.35 -8.31 -11.77
N ASN A 78 -2.77 -7.89 -10.64
CA ASN A 78 -3.26 -6.75 -9.87
C ASN A 78 -4.77 -6.83 -9.69
N THR A 79 -5.25 -8.01 -9.31
CA THR A 79 -6.67 -8.30 -9.25
C THR A 79 -7.04 -8.91 -7.91
N LEU A 80 -8.17 -8.47 -7.38
CA LEU A 80 -8.77 -9.00 -6.16
C LEU A 80 -9.94 -9.91 -6.54
N TYR A 81 -10.12 -10.97 -5.75
CA TYR A 81 -11.16 -11.94 -6.04
C TYR A 81 -12.01 -12.18 -4.79
N LEU A 82 -13.25 -12.60 -5.03
CA LEU A 82 -14.13 -13.14 -3.99
C LEU A 82 -14.71 -14.45 -4.51
N GLN A 83 -14.28 -15.57 -3.95
CA GLN A 83 -14.84 -16.87 -4.25
C GLN A 83 -16.07 -17.07 -3.38
N MET A 84 -17.22 -17.26 -4.00
CA MET A 84 -18.50 -17.37 -3.30
C MET A 84 -19.03 -18.79 -3.48
N ASN A 85 -18.88 -19.62 -2.46
CA ASN A 85 -19.36 -20.99 -2.46
C ASN A 85 -20.59 -21.10 -1.55
N ARG A 86 -21.29 -22.23 -1.69
CA ARG A 86 -22.45 -22.56 -0.85
C ARG A 86 -23.39 -21.36 -0.76
N LEU A 87 -23.82 -20.89 -1.93
CA LEU A 87 -24.53 -19.63 -2.02
C LEU A 87 -25.98 -19.77 -1.57
N ARG A 88 -26.47 -18.72 -0.92
CA ARG A 88 -27.82 -18.67 -0.38
C ARG A 88 -28.58 -17.52 -1.03
N ALA A 89 -29.91 -17.62 -1.02
CA ALA A 89 -30.72 -16.52 -1.55
C ALA A 89 -30.40 -15.21 -0.84
N GLU A 90 -30.04 -15.28 0.44
CA GLU A 90 -29.71 -14.09 1.22
C GLU A 90 -28.42 -13.44 0.77
N ASP A 91 -27.65 -14.09 -0.11
CA ASP A 91 -26.43 -13.51 -0.66
C ASP A 91 -26.71 -12.59 -1.85
N THR A 92 -27.94 -12.56 -2.36
CA THR A 92 -28.31 -11.67 -3.45
C THR A 92 -27.99 -10.22 -3.07
N ALA A 93 -27.16 -9.58 -3.88
CA ALA A 93 -26.72 -8.23 -3.55
C ALA A 93 -25.80 -7.71 -4.64
N VAL A 94 -25.63 -6.39 -4.66
CA VAL A 94 -24.55 -5.76 -5.42
C VAL A 94 -23.28 -5.86 -4.58
N TYR A 95 -22.21 -6.37 -5.18
CA TYR A 95 -20.94 -6.56 -4.49
C TYR A 95 -19.96 -5.49 -4.96
N TYR A 96 -19.41 -4.74 -4.01
CA TYR A 96 -18.40 -3.74 -4.28
C TYR A 96 -17.05 -4.21 -3.73
N CYS A 97 -15.99 -3.94 -4.47
CA CYS A 97 -14.64 -3.98 -3.90
C CYS A 97 -14.26 -2.56 -3.51
N ALA A 98 -13.55 -2.43 -2.41
CA ALA A 98 -13.18 -1.13 -1.89
C ALA A 98 -11.76 -1.16 -1.36
N ARG A 99 -11.06 -0.05 -1.51
CA ARG A 99 -9.68 0.10 -1.09
C ARG A 99 -9.62 1.02 0.13
N GLU A 100 -8.72 0.71 1.07
CA GLU A 100 -8.47 1.58 2.20
C GLU A 100 -7.23 2.44 1.93
N GLY A 101 -6.91 3.32 2.88
CA GLY A 101 -6.07 4.46 2.60
C GLY A 101 -4.62 4.11 2.33
N GLU A 102 -3.91 5.09 1.77
CA GLU A 102 -2.48 4.98 1.52
C GLU A 102 -1.70 5.04 2.82
N VAL A 103 -0.52 4.40 2.81
CA VAL A 103 0.31 4.38 4.02
C VAL A 103 0.63 5.78 4.50
N GLU A 104 0.76 6.73 3.58
CA GLU A 104 1.03 8.12 3.93
C GLU A 104 -0.24 8.93 4.19
N GLY A 105 -1.41 8.31 4.07
CA GLY A 105 -2.63 9.08 4.19
C GLY A 105 -2.84 9.93 2.96
N TYR A 106 -3.14 11.21 3.17
CA TYR A 106 -3.34 12.16 2.08
C TYR A 106 -2.08 12.99 1.87
N ASN A 107 -1.76 13.25 0.61
CA ASN A 107 -0.48 13.87 0.27
C ASN A 107 -0.38 15.31 0.71
N ASP A 108 -1.50 15.98 1.01
CA ASP A 108 -1.47 17.39 1.37
C ASP A 108 -1.37 17.62 2.88
N PHE A 109 -1.15 16.57 3.66
CA PHE A 109 -1.03 16.69 5.11
C PHE A 109 -0.09 15.61 5.61
N TRP A 110 0.94 16.03 6.34
CA TRP A 110 1.93 15.09 6.87
C TRP A 110 1.36 14.39 8.10
N SER A 111 1.25 13.05 8.02
CA SER A 111 0.83 12.24 9.16
C SER A 111 1.72 11.01 9.33
N GLY A 112 2.93 11.02 8.78
CA GLY A 112 3.80 9.89 8.89
C GLY A 112 3.32 8.73 8.02
N TYR A 113 3.77 7.53 8.39
CA TYR A 113 3.44 6.31 7.68
C TYR A 113 2.78 5.34 8.65
N SER A 114 1.74 4.66 8.17
CA SER A 114 0.96 3.75 9.00
C SER A 114 -0.01 3.00 8.11
N ARG A 115 -0.30 1.76 8.50
CA ARG A 115 -1.34 0.98 7.84
C ARG A 115 -2.67 1.05 8.59
N ASP A 116 -2.77 1.92 9.59
CA ASP A 116 -4.03 2.14 10.31
C ASP A 116 -4.83 3.27 9.63
N ARG A 117 -5.17 3.04 8.36
CA ARG A 117 -5.86 4.01 7.51
C ARG A 117 -7.24 3.46 7.15
N TYR A 118 -8.14 3.47 8.13
CA TYR A 118 -9.40 2.72 8.02
C TYR A 118 -10.51 3.62 7.49
N TYR A 119 -10.52 3.75 6.16
CA TYR A 119 -11.57 4.46 5.43
C TYR A 119 -11.48 4.00 3.98
N PHE A 120 -12.64 3.82 3.36
CA PHE A 120 -12.71 3.31 1.98
C PHE A 120 -12.66 4.48 1.02
N ASP A 121 -11.46 4.79 0.51
CA ASP A 121 -11.30 5.99 -0.30
C ASP A 121 -11.66 5.77 -1.77
N TYR A 122 -11.55 4.55 -2.28
CA TYR A 122 -11.91 4.25 -3.66
C TYR A 122 -12.75 2.99 -3.71
N TRP A 123 -13.77 3.02 -4.57
CA TRP A 123 -14.75 1.95 -4.67
C TRP A 123 -14.83 1.49 -6.11
N GLY A 124 -15.16 0.21 -6.29
CA GLY A 124 -15.56 -0.28 -7.59
C GLY A 124 -16.94 0.23 -7.95
N GLN A 125 -17.41 -0.14 -9.14
CA GLN A 125 -18.73 0.27 -9.59
C GLN A 125 -19.82 -0.71 -9.18
N GLY A 126 -19.46 -1.86 -8.65
CA GLY A 126 -20.45 -2.82 -8.20
C GLY A 126 -20.83 -3.81 -9.28
N THR A 127 -21.10 -5.04 -8.86
CA THR A 127 -21.57 -6.10 -9.75
C THR A 127 -22.62 -6.90 -9.01
N LEU A 128 -23.75 -7.15 -9.65
CA LEU A 128 -24.89 -7.80 -9.02
C LEU A 128 -24.77 -9.31 -9.10
N VAL A 129 -25.01 -9.97 -7.97
CA VAL A 129 -25.16 -11.42 -7.90
C VAL A 129 -26.56 -11.71 -7.41
N THR A 130 -27.32 -12.50 -8.18
CA THR A 130 -28.66 -12.90 -7.82
C THR A 130 -28.68 -14.41 -7.65
N VAL A 131 -28.99 -14.87 -6.44
CA VAL A 131 -29.13 -16.28 -6.14
C VAL A 131 -30.62 -16.57 -6.12
N SER A 132 -31.08 -17.38 -7.07
CA SER A 132 -32.51 -17.61 -7.26
C SER A 132 -32.76 -19.04 -7.72
N SER A 133 -33.65 -19.73 -7.02
CA SER A 133 -34.14 -21.02 -7.45
C SER A 133 -34.89 -20.87 -8.78
N SER A 160 -22.63 -7.02 13.64
CA SER A 160 -24.00 -6.57 13.38
C SER A 160 -23.99 -5.28 12.56
N ALA A 161 -24.42 -4.17 13.16
CA ALA A 161 -24.48 -2.91 12.44
C ALA A 161 -24.59 -1.76 13.43
N LEU A 162 -24.03 -0.61 13.04
CA LEU A 162 -24.15 0.60 13.83
C LEU A 162 -25.52 1.23 13.61
N THR A 163 -26.05 1.87 14.66
CA THR A 163 -27.41 2.35 14.66
C THR A 163 -27.47 3.76 14.06
N GLN A 164 -28.24 3.91 12.99
CA GLN A 164 -28.50 5.20 12.37
C GLN A 164 -30.01 5.43 12.29
N PRO A 165 -30.46 6.68 12.28
CA PRO A 165 -31.88 6.93 12.02
C PRO A 165 -32.24 6.56 10.60
N ALA A 166 -33.47 6.06 10.42
CA ALA A 166 -33.89 5.60 9.10
C ALA A 166 -33.92 6.76 8.10
N SER A 167 -34.44 7.91 8.52
CA SER A 167 -34.59 9.04 7.61
C SER A 167 -34.38 10.34 8.36
N VAL A 168 -33.82 11.32 7.66
CA VAL A 168 -33.65 12.69 8.16
C VAL A 168 -33.98 13.63 7.01
N SER A 169 -34.65 14.74 7.33
CA SER A 169 -35.02 15.70 6.30
C SER A 169 -34.75 17.12 6.79
N GLY A 170 -34.49 18.01 5.83
CA GLY A 170 -34.26 19.41 6.14
C GLY A 170 -34.57 20.27 4.94
N SER A 171 -34.75 21.55 5.21
CA SER A 171 -35.05 22.50 4.14
C SER A 171 -33.79 22.87 3.37
N PRO A 172 -33.93 23.20 2.09
CA PRO A 172 -32.77 23.70 1.33
C PRO A 172 -32.10 24.85 2.06
N GLY A 173 -30.76 24.85 2.04
CA GLY A 173 -29.99 25.89 2.68
C GLY A 173 -29.86 25.77 4.19
N GLN A 174 -30.42 24.71 4.79
CA GLN A 174 -30.39 24.50 6.22
C GLN A 174 -29.49 23.31 6.56
N SER A 175 -29.36 23.04 7.86
CA SER A 175 -28.46 22.01 8.34
C SER A 175 -29.25 20.84 8.94
N ILE A 176 -28.70 19.64 8.76
CA ILE A 176 -29.20 18.43 9.40
C ILE A 176 -28.01 17.70 10.02
N THR A 177 -28.32 16.78 10.93
CA THR A 177 -27.30 15.98 11.60
C THR A 177 -27.75 14.53 11.65
N ILE A 178 -26.81 13.61 11.43
CA ILE A 178 -27.07 12.18 11.36
C ILE A 178 -26.21 11.49 12.41
N SER A 179 -26.84 10.70 13.27
CA SER A 179 -26.16 10.02 14.36
C SER A 179 -25.80 8.58 13.98
N CYS A 180 -24.89 8.00 14.76
CA CYS A 180 -24.31 6.68 14.48
C CYS A 180 -23.76 6.13 15.82
N THR A 181 -24.57 5.32 16.51
CA THR A 181 -24.15 4.72 17.77
C THR A 181 -23.50 3.36 17.55
N GLY A 182 -22.44 3.09 18.29
CA GLY A 182 -21.80 1.78 18.27
C GLY A 182 -21.48 1.35 19.68
N THR A 183 -20.31 0.77 19.89
CA THR A 183 -19.91 0.21 21.18
C THR A 183 -18.49 0.65 21.50
N SER A 184 -18.06 0.32 22.72
CA SER A 184 -16.65 0.44 23.09
C SER A 184 -15.73 -0.26 22.10
N SER A 185 -16.26 -1.21 21.33
CA SER A 185 -15.45 -2.07 20.47
C SER A 185 -15.29 -1.52 19.05
N ASP A 186 -16.01 -0.45 18.69
CA ASP A 186 -15.80 0.17 17.38
C ASP A 186 -15.86 1.69 17.46
N VAL A 187 -17.04 2.30 17.27
CA VAL A 187 -17.12 3.76 17.22
C VAL A 187 -16.43 4.38 18.44
N GLY A 188 -16.73 3.87 19.63
CA GLY A 188 -16.21 4.43 20.85
C GLY A 188 -14.90 3.86 21.33
N GLY A 189 -14.26 2.98 20.57
CA GLY A 189 -12.97 2.44 20.95
C GLY A 189 -11.83 3.04 20.15
N TYR A 190 -12.16 3.63 19.01
CA TYR A 190 -11.18 4.20 18.10
C TYR A 190 -11.73 5.48 17.49
N ASN A 191 -10.84 6.32 17.00
CA ASN A 191 -11.22 7.48 16.20
C ASN A 191 -11.17 7.15 14.71
N TYR A 192 -11.78 6.02 14.35
CA TYR A 192 -11.76 5.52 12.98
C TYR A 192 -13.17 5.42 12.42
N VAL A 193 -13.94 6.50 12.54
CA VAL A 193 -15.29 6.55 11.99
C VAL A 193 -15.23 7.29 10.66
N SER A 194 -15.83 6.71 9.63
CA SER A 194 -15.91 7.32 8.31
C SER A 194 -17.36 7.37 7.86
N TRP A 195 -17.64 8.27 6.93
CA TRP A 195 -19.00 8.49 6.43
C TRP A 195 -19.00 8.45 4.91
N TYR A 196 -20.07 7.90 4.33
CA TYR A 196 -20.16 7.68 2.89
C TYR A 196 -21.50 8.17 2.37
N GLN A 197 -21.46 8.77 1.19
CA GLN A 197 -22.65 9.21 0.47
C GLN A 197 -22.89 8.28 -0.71
N GLN A 198 -24.14 7.85 -0.90
CA GLN A 198 -24.49 6.95 -2.00
C GLN A 198 -25.76 7.43 -2.68
N HIS A 199 -25.62 7.82 -3.96
CA HIS A 199 -26.77 8.12 -4.79
C HIS A 199 -27.31 6.85 -5.44
N PRO A 200 -28.58 6.83 -5.81
CA PRO A 200 -29.14 5.63 -6.46
C PRO A 200 -28.33 5.26 -7.69
N GLY A 201 -28.02 3.97 -7.80
CA GLY A 201 -27.32 3.45 -8.95
C GLY A 201 -25.84 3.70 -8.98
N LYS A 202 -25.27 4.25 -7.90
CA LYS A 202 -23.86 4.61 -7.86
C LYS A 202 -23.19 3.97 -6.65
N ALA A 203 -21.87 3.86 -6.73
CA ALA A 203 -21.11 3.35 -5.61
C ALA A 203 -21.04 4.39 -4.49
N PRO A 204 -20.81 3.97 -3.25
CA PRO A 204 -20.64 4.94 -2.16
C PRO A 204 -19.40 5.82 -2.39
N LYS A 205 -19.45 7.01 -1.82
CA LYS A 205 -18.36 7.98 -1.91
C LYS A 205 -17.93 8.41 -0.52
N LEU A 206 -16.62 8.40 -0.27
CA LEU A 206 -16.10 8.81 1.04
C LEU A 206 -16.24 10.32 1.22
N MET A 207 -16.90 10.72 2.30
CA MET A 207 -17.11 12.13 2.63
C MET A 207 -16.32 12.56 3.85
N ILE A 208 -16.20 11.70 4.86
CA ILE A 208 -15.51 12.01 6.10
C ILE A 208 -14.73 10.77 6.53
N TYR A 209 -13.51 10.97 7.04
CA TYR A 209 -12.70 9.87 7.57
C TYR A 209 -12.08 10.31 8.88
N ASP A 210 -11.72 9.32 9.70
CA ASP A 210 -11.12 9.57 11.02
C ASP A 210 -11.96 10.58 11.81
N VAL A 211 -13.28 10.36 11.80
CA VAL A 211 -14.25 11.09 12.60
C VAL A 211 -14.58 12.46 12.02
N SER A 212 -13.54 13.27 11.75
CA SER A 212 -13.77 14.69 11.47
C SER A 212 -12.99 15.22 10.28
N ASN A 213 -12.29 14.38 9.52
CA ASN A 213 -11.42 14.84 8.45
C ASN A 213 -12.11 14.69 7.10
N ARG A 214 -11.92 15.70 6.24
CA ARG A 214 -12.55 15.76 4.93
C ARG A 214 -11.51 15.49 3.85
N PRO A 215 -11.75 14.57 2.92
CA PRO A 215 -10.85 14.45 1.78
C PRO A 215 -10.85 15.73 0.96
N SER A 216 -9.73 15.95 0.26
CA SER A 216 -9.69 17.04 -0.71
C SER A 216 -10.79 16.86 -1.74
N GLY A 217 -11.48 17.95 -2.05
CA GLY A 217 -12.55 17.92 -3.02
C GLY A 217 -13.93 17.69 -2.46
N VAL A 218 -14.04 17.36 -1.18
CA VAL A 218 -15.34 17.22 -0.52
C VAL A 218 -15.73 18.56 0.08
N SER A 219 -16.98 18.96 -0.13
CA SER A 219 -17.43 20.28 0.29
C SER A 219 -17.27 20.48 1.79
N ASN A 220 -16.91 21.71 2.17
CA ASN A 220 -16.85 22.09 3.59
C ASN A 220 -18.20 22.04 4.27
N ARG A 221 -19.29 21.88 3.51
CA ARG A 221 -20.61 21.72 4.10
C ARG A 221 -20.76 20.41 4.87
N PHE A 222 -19.82 19.48 4.74
CA PHE A 222 -19.86 18.20 5.44
C PHE A 222 -18.84 18.21 6.58
N SER A 223 -19.29 17.87 7.78
CA SER A 223 -18.42 17.80 8.94
C SER A 223 -18.83 16.63 9.82
N GLY A 224 -17.91 16.18 10.65
CA GLY A 224 -18.14 15.02 11.50
C GLY A 224 -17.58 15.22 12.89
N SER A 225 -18.21 14.56 13.85
CA SER A 225 -17.80 14.63 15.25
C SER A 225 -18.14 13.32 15.93
N LYS A 226 -17.71 13.19 17.18
CA LYS A 226 -17.99 11.99 17.96
C LYS A 226 -17.95 12.34 19.43
N SER A 227 -18.84 11.68 20.19
CA SER A 227 -18.82 11.78 21.65
C SER A 227 -19.24 10.43 22.20
N GLY A 228 -18.38 9.82 23.01
CA GLY A 228 -18.69 8.50 23.52
C GLY A 228 -18.84 7.50 22.39
N ASN A 229 -19.96 6.78 22.39
CA ASN A 229 -20.21 5.72 21.42
C ASN A 229 -21.00 6.21 20.20
N THR A 230 -21.22 7.51 20.07
CA THR A 230 -22.06 8.05 19.00
C THR A 230 -21.25 9.03 18.16
N ALA A 231 -21.13 8.75 16.87
CA ALA A 231 -20.58 9.68 15.89
C ALA A 231 -21.71 10.42 15.19
N SER A 232 -21.38 11.57 14.63
CA SER A 232 -22.39 12.43 14.02
C SER A 232 -21.85 13.06 12.74
N LEU A 233 -22.67 13.04 11.70
CA LEU A 233 -22.42 13.74 10.45
C LEU A 233 -23.37 14.92 10.36
N THR A 234 -22.83 16.11 10.07
CA THR A 234 -23.63 17.30 9.88
C THR A 234 -23.45 17.79 8.44
N ILE A 235 -24.56 18.02 7.77
CA ILE A 235 -24.59 18.62 6.43
C ILE A 235 -25.25 19.98 6.56
N SER A 236 -24.53 21.03 6.21
CA SER A 236 -25.06 22.39 6.23
C SER A 236 -25.32 22.87 4.82
N GLY A 237 -26.07 23.98 4.72
CA GLY A 237 -26.43 24.54 3.43
C GLY A 237 -26.97 23.50 2.48
N LEU A 238 -27.96 22.73 2.92
CA LEU A 238 -28.44 21.59 2.16
C LEU A 238 -28.78 21.99 0.72
N GLN A 239 -28.35 21.16 -0.23
CA GLN A 239 -28.68 21.31 -1.63
C GLN A 239 -29.38 20.05 -2.12
N ALA A 240 -30.12 20.18 -3.22
CA ALA A 240 -30.86 19.03 -3.76
C ALA A 240 -29.92 17.87 -4.05
N GLU A 241 -28.69 18.16 -4.48
CA GLU A 241 -27.74 17.09 -4.77
C GLU A 241 -27.33 16.31 -3.53
N ASP A 242 -27.60 16.84 -2.33
CA ASP A 242 -27.30 16.12 -1.10
C ASP A 242 -28.27 14.99 -0.83
N GLU A 243 -29.40 14.93 -1.54
CA GLU A 243 -30.34 13.83 -1.37
C GLU A 243 -29.67 12.51 -1.71
N ALA A 244 -29.55 11.63 -0.72
CA ALA A 244 -28.87 10.36 -0.91
C ALA A 244 -28.96 9.53 0.36
N ASP A 245 -28.44 8.31 0.32
CA ASP A 245 -28.28 7.49 1.51
C ASP A 245 -26.88 7.70 2.07
N TYR A 246 -26.79 7.87 3.39
CA TYR A 246 -25.52 8.10 4.07
C TYR A 246 -25.28 6.98 5.08
N TYR A 247 -24.07 6.44 5.08
CA TYR A 247 -23.67 5.35 5.96
C TYR A 247 -22.43 5.73 6.74
N CYS A 248 -22.41 5.43 8.03
CA CYS A 248 -21.18 5.48 8.80
C CYS A 248 -20.53 4.09 8.78
N SER A 249 -19.23 4.07 9.10
CA SER A 249 -18.48 2.83 9.22
C SER A 249 -17.39 3.03 10.26
N SER A 250 -17.02 1.93 10.92
CA SER A 250 -16.00 1.98 11.95
C SER A 250 -15.08 0.77 11.86
N TYR A 251 -13.80 0.99 12.15
CA TYR A 251 -12.92 -0.11 12.52
C TYR A 251 -13.48 -0.78 13.78
N THR A 252 -13.20 -2.08 13.92
CA THR A 252 -13.60 -2.82 15.11
C THR A 252 -12.40 -3.47 15.76
N SER A 253 -12.58 -3.86 17.03
CA SER A 253 -11.51 -4.48 17.79
C SER A 253 -11.20 -5.89 17.30
N SER A 254 -12.05 -6.48 16.46
CA SER A 254 -11.79 -7.78 15.83
C SER A 254 -11.07 -7.63 14.48
N SER A 255 -10.52 -6.44 14.20
CA SER A 255 -9.86 -6.14 12.93
C SER A 255 -10.82 -6.29 11.74
N THR A 256 -12.11 -6.13 11.98
CA THR A 256 -13.11 -6.10 10.92
C THR A 256 -13.56 -4.66 10.70
N ARG A 257 -14.57 -4.48 9.84
CA ARG A 257 -15.23 -3.20 9.66
C ARG A 257 -16.74 -3.42 9.75
N VAL A 258 -17.46 -2.41 10.21
CA VAL A 258 -18.91 -2.53 10.42
C VAL A 258 -19.58 -1.23 9.98
N PHE A 259 -20.56 -1.36 9.09
CA PHE A 259 -21.33 -0.22 8.59
C PHE A 259 -22.56 0.02 9.45
N GLY A 260 -23.01 1.28 9.46
CA GLY A 260 -24.28 1.61 10.04
C GLY A 260 -25.43 1.21 9.13
N THR A 261 -26.65 1.25 9.69
CA THR A 261 -27.83 0.80 8.98
C THR A 261 -28.25 1.75 7.86
N GLY A 262 -27.68 2.95 7.80
CA GLY A 262 -27.97 3.86 6.70
C GLY A 262 -29.08 4.86 7.01
N THR A 263 -28.93 6.08 6.50
CA THR A 263 -29.92 7.13 6.68
C THR A 263 -30.25 7.74 5.34
N LYS A 264 -31.54 7.74 4.99
CA LYS A 264 -32.01 8.42 3.79
C LYS A 264 -32.22 9.90 4.09
N VAL A 265 -31.46 10.75 3.41
CA VAL A 265 -31.56 12.20 3.58
C VAL A 265 -32.50 12.73 2.50
N THR A 266 -33.54 13.44 2.93
CA THR A 266 -34.49 14.09 2.04
C THR A 266 -34.33 15.60 2.17
N VAL A 267 -34.15 16.28 1.05
CA VAL A 267 -34.15 17.74 0.99
C VAL A 267 -35.54 18.17 0.57
N LEU A 268 -36.25 18.85 1.47
CA LEU A 268 -37.63 19.21 1.20
C LEU A 268 -37.74 20.04 -0.08
N GLY A 269 -38.82 19.82 -0.83
CA GLY A 269 -39.10 20.59 -2.01
C GLY A 269 -38.42 20.12 -3.28
N THR A 270 -37.47 19.20 -3.19
CA THR A 270 -36.78 18.73 -4.38
C THR A 270 -37.75 18.02 -5.31
N ASN B 5 43.20 -13.58 -14.45
CA ASN B 5 41.80 -13.81 -14.11
C ASN B 5 41.07 -12.50 -13.87
N LEU B 6 40.26 -12.09 -14.84
CA LEU B 6 39.52 -10.84 -14.73
C LEU B 6 38.47 -10.95 -13.63
N CYS B 7 38.34 -9.88 -12.84
CA CYS B 7 37.32 -9.86 -11.80
C CYS B 7 35.94 -9.95 -12.44
N PRO B 8 35.02 -10.78 -11.88
CA PRO B 8 33.70 -10.99 -12.49
C PRO B 8 32.67 -9.91 -12.15
N PHE B 9 33.06 -8.64 -12.31
CA PHE B 9 32.10 -7.55 -12.16
C PHE B 9 31.02 -7.61 -13.23
N GLY B 10 31.28 -8.27 -14.36
CA GLY B 10 30.32 -8.27 -15.45
C GLY B 10 28.99 -8.90 -15.07
N GLU B 11 29.03 -10.03 -14.37
CA GLU B 11 27.79 -10.71 -14.00
C GLU B 11 27.04 -10.02 -12.88
N VAL B 12 27.53 -8.88 -12.38
CA VAL B 12 26.77 -8.02 -11.49
C VAL B 12 26.12 -6.88 -12.26
N PHE B 13 26.92 -6.12 -13.01
CA PHE B 13 26.37 -4.97 -13.75
C PHE B 13 25.43 -5.42 -14.86
N ASN B 14 25.77 -6.50 -15.57
CA ASN B 14 25.00 -6.98 -16.70
C ASN B 14 24.04 -8.11 -16.34
N ALA B 15 23.81 -8.35 -15.05
CA ALA B 15 22.87 -9.38 -14.65
C ALA B 15 21.48 -9.07 -15.19
N THR B 16 20.80 -10.11 -15.67
CA THR B 16 19.47 -9.90 -16.26
C THR B 16 18.46 -9.50 -15.20
N ARG B 17 18.51 -10.12 -14.03
CA ARG B 17 17.56 -9.87 -12.95
C ARG B 17 18.29 -9.20 -11.79
N PHE B 18 17.71 -8.12 -11.27
CA PHE B 18 18.21 -7.42 -10.10
C PHE B 18 17.28 -7.67 -8.91
N PRO B 19 17.80 -7.60 -7.68
CA PRO B 19 16.98 -7.90 -6.51
C PRO B 19 16.30 -6.66 -5.94
N SER B 20 15.29 -6.92 -5.10
CA SER B 20 14.68 -5.86 -4.33
C SER B 20 15.68 -5.30 -3.32
N VAL B 21 15.54 -4.01 -3.02
CA VAL B 21 16.55 -3.33 -2.20
C VAL B 21 16.59 -3.92 -0.80
N TYR B 22 15.44 -4.33 -0.26
CA TYR B 22 15.45 -4.92 1.08
C TYR B 22 16.24 -6.22 1.10
N ALA B 23 16.25 -6.95 -0.02
CA ALA B 23 17.00 -8.19 -0.11
C ALA B 23 18.19 -7.99 -1.06
N TRP B 24 18.95 -6.90 -0.86
CA TRP B 24 20.01 -6.57 -1.79
C TRP B 24 21.04 -7.71 -1.85
N ASN B 25 21.60 -7.91 -3.04
CA ASN B 25 22.59 -8.95 -3.26
C ASN B 25 23.99 -8.43 -2.98
N ARG B 26 24.88 -9.36 -2.67
CA ARG B 26 26.29 -9.05 -2.46
C ARG B 26 27.14 -10.12 -3.13
N LYS B 27 28.09 -9.69 -3.96
CA LYS B 27 29.07 -10.57 -4.54
C LYS B 27 30.43 -10.23 -3.97
N ARG B 28 31.12 -11.24 -3.44
CA ARG B 28 32.47 -11.07 -2.90
C ARG B 28 33.45 -11.38 -4.02
N ILE B 29 34.31 -10.41 -4.34
CA ILE B 29 35.24 -10.49 -5.46
C ILE B 29 36.65 -10.49 -4.90
N SER B 30 37.43 -11.51 -5.27
CA SER B 30 38.76 -11.71 -4.73
C SER B 30 39.65 -12.37 -5.76
N ASN B 31 40.96 -12.28 -5.53
CA ASN B 31 41.97 -12.99 -6.32
C ASN B 31 41.75 -12.77 -7.82
N CYS B 32 41.82 -11.52 -8.23
CA CYS B 32 41.58 -11.18 -9.63
C CYS B 32 42.11 -9.78 -9.89
N TYR B 33 42.18 -9.44 -11.18
CA TYR B 33 42.55 -8.11 -11.64
C TYR B 33 41.39 -7.51 -12.41
N TYR B 34 41.37 -6.19 -12.51
CA TYR B 34 40.31 -5.50 -13.24
C TYR B 34 40.80 -4.15 -13.69
N ASP B 35 40.34 -3.74 -14.87
CA ASP B 35 40.55 -2.37 -15.38
C ASP B 35 39.27 -1.60 -15.10
N TYR B 36 39.31 -0.74 -14.07
CA TYR B 36 38.11 -0.03 -13.65
C TYR B 36 37.72 1.09 -14.62
N SER B 37 38.61 1.47 -15.54
CA SER B 37 38.22 2.43 -16.56
C SER B 37 37.06 1.93 -17.40
N VAL B 38 36.86 0.60 -17.46
CA VAL B 38 35.70 0.06 -18.17
C VAL B 38 34.41 0.61 -17.57
N LEU B 39 34.44 0.99 -16.29
CA LEU B 39 33.26 1.46 -15.59
C LEU B 39 33.17 2.99 -15.57
N TYR B 40 34.19 3.66 -15.04
CA TYR B 40 34.07 5.10 -14.84
C TYR B 40 34.19 5.89 -16.15
N ASN B 41 34.68 5.27 -17.23
CA ASN B 41 34.65 5.88 -18.55
C ASN B 41 33.46 5.42 -19.37
N SER B 42 32.48 4.78 -18.74
CA SER B 42 31.28 4.33 -19.43
C SER B 42 30.24 5.45 -19.45
N ALA B 43 29.57 5.60 -20.59
CA ALA B 43 28.49 6.56 -20.72
C ALA B 43 27.14 5.99 -20.28
N SER B 44 27.12 4.77 -19.76
CA SER B 44 25.86 4.09 -19.44
C SER B 44 25.32 4.45 -18.05
N PHE B 45 26.07 5.17 -17.23
CA PHE B 45 25.71 5.40 -15.85
C PHE B 45 25.31 6.85 -15.64
N SER B 46 24.17 7.06 -14.96
CA SER B 46 23.73 8.39 -14.58
C SER B 46 24.32 8.84 -13.25
N THR B 47 24.84 7.91 -12.45
CA THR B 47 25.52 8.21 -11.21
C THR B 47 26.81 7.40 -11.15
N PHE B 48 27.93 8.08 -10.89
CA PHE B 48 29.19 7.39 -10.62
C PHE B 48 29.97 8.31 -9.66
N LYS B 49 29.78 8.08 -8.37
CA LYS B 49 30.37 8.90 -7.32
C LYS B 49 31.10 8.00 -6.34
N CYS B 50 32.37 8.32 -6.09
CA CYS B 50 33.19 7.55 -5.17
C CYS B 50 33.50 8.37 -3.91
N TYR B 51 33.76 7.64 -2.83
CA TYR B 51 34.04 8.24 -1.53
C TYR B 51 35.32 7.62 -0.99
N GLY B 52 36.21 8.46 -0.47
CA GLY B 52 37.47 7.99 0.08
C GLY B 52 38.51 7.55 -0.94
N VAL B 53 38.09 7.32 -2.18
CA VAL B 53 39.02 6.94 -3.25
C VAL B 53 38.54 7.59 -4.55
N SER B 54 39.48 8.13 -5.31
CA SER B 54 39.12 8.74 -6.59
C SER B 54 38.97 7.66 -7.66
N PRO B 55 37.98 7.77 -8.53
CA PRO B 55 37.83 6.74 -9.58
C PRO B 55 39.07 6.60 -10.45
N THR B 56 39.74 7.72 -10.74
CA THR B 56 40.90 7.71 -11.63
C THR B 56 42.14 7.11 -10.98
N LYS B 57 42.07 6.69 -9.72
CA LYS B 57 43.17 6.03 -9.04
C LYS B 57 42.89 4.57 -8.73
N LEU B 58 41.73 4.05 -9.12
CA LEU B 58 41.39 2.66 -8.84
C LEU B 58 42.37 1.69 -9.49
N ASN B 59 42.87 2.03 -10.69
CA ASN B 59 43.78 1.14 -11.40
C ASN B 59 45.19 1.12 -10.83
N ASP B 60 45.48 1.97 -9.85
CA ASP B 60 46.80 1.99 -9.21
C ASP B 60 46.81 1.28 -7.87
N LEU B 61 45.69 0.71 -7.44
CA LEU B 61 45.52 0.24 -6.07
C LEU B 61 45.12 -1.23 -6.04
N CYS B 62 45.52 -1.91 -4.96
CA CYS B 62 45.08 -3.26 -4.65
C CYS B 62 44.36 -3.25 -3.31
N PHE B 63 43.42 -4.17 -3.15
CA PHE B 63 42.63 -4.25 -1.93
C PHE B 63 42.52 -5.71 -1.49
N THR B 64 42.36 -5.90 -0.18
CA THR B 64 42.21 -7.25 0.36
C THR B 64 40.97 -7.93 -0.20
N GLN B 65 39.93 -7.16 -0.49
CA GLN B 65 38.64 -7.71 -0.90
C GLN B 65 37.79 -6.58 -1.44
N VAL B 66 36.90 -6.90 -2.37
CA VAL B 66 35.97 -5.94 -2.94
C VAL B 66 34.59 -6.57 -2.95
N PHE B 67 33.61 -5.88 -2.37
CA PHE B 67 32.23 -6.29 -2.40
C PHE B 67 31.47 -5.47 -3.43
N ALA B 68 30.58 -6.13 -4.17
CA ALA B 68 29.72 -5.47 -5.15
C ALA B 68 28.27 -5.76 -4.77
N ASP B 69 27.59 -4.76 -4.22
CA ASP B 69 26.20 -4.88 -3.81
C ASP B 69 25.30 -4.27 -4.88
N SER B 70 24.13 -4.89 -5.10
CA SER B 70 23.24 -4.49 -6.17
C SER B 70 21.80 -4.56 -5.71
N PHE B 71 20.97 -3.65 -6.25
CA PHE B 71 19.56 -3.58 -5.90
C PHE B 71 18.88 -2.55 -6.81
N VAL B 72 17.57 -2.44 -6.66
CA VAL B 72 16.74 -1.50 -7.43
C VAL B 72 15.99 -0.61 -6.46
N ILE B 73 15.98 0.70 -6.76
CA ILE B 73 15.25 1.69 -5.98
C ILE B 73 14.68 2.72 -6.96
N ARG B 74 14.04 3.75 -6.40
CA ARG B 74 13.50 4.84 -7.19
C ARG B 74 14.60 5.83 -7.56
N GLY B 75 14.32 6.62 -8.60
CA GLY B 75 15.31 7.60 -9.04
C GLY B 75 15.64 8.63 -7.99
N ASP B 76 14.61 9.17 -7.33
CA ASP B 76 14.82 10.19 -6.29
C ASP B 76 15.24 9.57 -4.96
N GLU B 77 15.52 8.27 -4.93
CA GLU B 77 16.10 7.63 -3.76
C GLU B 77 17.58 7.30 -3.94
N VAL B 78 18.12 7.45 -5.15
CA VAL B 78 19.54 7.19 -5.36
C VAL B 78 20.39 8.13 -4.50
N ARG B 79 19.85 9.30 -4.16
CA ARG B 79 20.56 10.22 -3.27
C ARG B 79 20.80 9.62 -1.89
N GLN B 80 19.94 8.69 -1.47
CA GLN B 80 20.09 8.07 -0.16
C GLN B 80 21.24 7.06 -0.12
N ILE B 81 21.75 6.64 -1.27
CA ILE B 81 22.86 5.66 -1.30
C ILE B 81 24.15 6.49 -1.25
N ALA B 82 24.45 6.97 -0.04
CA ALA B 82 25.64 7.77 0.20
C ALA B 82 25.89 7.81 1.70
N PRO B 83 27.11 8.10 2.13
CA PRO B 83 27.37 8.23 3.57
C PRO B 83 26.54 9.33 4.20
N GLY B 84 26.06 9.07 5.41
CA GLY B 84 25.42 10.09 6.22
C GLY B 84 24.02 10.48 5.82
N GLN B 85 23.33 9.64 5.04
CA GLN B 85 21.98 9.95 4.57
C GLN B 85 20.93 9.29 5.46
N THR B 86 19.71 9.82 5.36
CA THR B 86 18.56 9.26 6.08
C THR B 86 17.40 9.12 5.10
N GLY B 87 16.38 8.40 5.54
CA GLY B 87 15.26 8.03 4.70
C GLY B 87 15.00 6.54 4.76
N LYS B 88 13.85 6.16 4.17
CA LYS B 88 13.41 4.77 4.27
C LYS B 88 14.45 3.81 3.72
N ILE B 89 15.14 4.19 2.64
CA ILE B 89 16.12 3.30 2.05
C ILE B 89 17.38 3.24 2.91
N ALA B 90 17.94 4.40 3.24
CA ALA B 90 19.16 4.42 4.04
C ALA B 90 18.92 3.88 5.44
N ASP B 91 17.73 4.14 6.01
CA ASP B 91 17.46 3.74 7.38
C ASP B 91 17.07 2.26 7.48
N TYR B 92 16.28 1.76 6.53
CA TYR B 92 15.65 0.45 6.69
C TYR B 92 16.05 -0.58 5.65
N ASN B 93 16.85 -0.22 4.63
CA ASN B 93 17.10 -1.15 3.54
C ASN B 93 18.57 -1.35 3.21
N TYR B 94 19.30 -0.27 2.94
CA TYR B 94 20.72 -0.35 2.61
C TYR B 94 21.43 0.88 3.16
N LYS B 95 22.38 0.68 4.06
CA LYS B 95 23.02 1.76 4.80
C LYS B 95 24.53 1.74 4.57
N LEU B 96 25.08 2.89 4.12
CA LEU B 96 26.52 3.02 3.97
C LEU B 96 27.13 3.64 5.23
N PRO B 97 28.35 3.26 5.59
CA PRO B 97 28.98 3.84 6.78
C PRO B 97 29.51 5.24 6.52
N ASP B 98 29.71 5.98 7.61
CA ASP B 98 30.26 7.33 7.50
C ASP B 98 31.62 7.31 6.83
N ASP B 99 32.46 6.32 7.15
CA ASP B 99 33.81 6.20 6.61
C ASP B 99 33.86 5.33 5.35
N PHE B 100 32.82 5.38 4.53
CA PHE B 100 32.75 4.54 3.34
C PHE B 100 33.91 4.81 2.40
N THR B 101 34.55 3.74 1.93
CA THR B 101 35.56 3.81 0.87
C THR B 101 35.05 2.96 -0.29
N GLY B 102 34.54 3.61 -1.32
CA GLY B 102 33.96 2.88 -2.44
C GLY B 102 33.22 3.82 -3.37
N CYS B 103 32.46 3.22 -4.28
CA CYS B 103 31.78 3.96 -5.34
C CYS B 103 30.32 3.51 -5.45
N VAL B 104 29.45 4.47 -5.71
CA VAL B 104 28.03 4.23 -5.94
C VAL B 104 27.75 4.45 -7.42
N ILE B 105 27.18 3.45 -8.08
CA ILE B 105 26.92 3.47 -9.51
C ILE B 105 25.46 3.17 -9.74
N ALA B 106 24.79 3.99 -10.57
CA ALA B 106 23.38 3.81 -10.84
C ALA B 106 23.08 4.18 -12.28
N TRP B 107 22.01 3.59 -12.82
CA TRP B 107 21.54 3.93 -14.15
C TRP B 107 20.05 3.64 -14.23
N ASN B 108 19.35 4.44 -15.04
CA ASN B 108 17.92 4.28 -15.23
C ASN B 108 17.63 2.94 -15.90
N SER B 109 16.66 2.20 -15.36
CA SER B 109 16.29 0.89 -15.88
C SER B 109 14.80 0.80 -16.18
N ASN B 110 14.20 1.92 -16.58
CA ASN B 110 12.77 1.92 -16.88
C ASN B 110 12.43 0.90 -17.95
N ASN B 111 13.33 0.67 -18.90
CA ASN B 111 13.04 -0.22 -20.00
C ASN B 111 13.04 -1.69 -19.57
N LEU B 112 13.76 -2.02 -18.50
CA LEU B 112 13.87 -3.39 -18.04
C LEU B 112 12.97 -3.71 -16.86
N ASP B 113 12.76 -2.76 -15.94
CA ASP B 113 12.13 -3.03 -14.66
C ASP B 113 10.72 -2.46 -14.56
N SER B 114 10.18 -1.90 -15.62
CA SER B 114 8.81 -1.40 -15.64
C SER B 114 7.95 -2.21 -16.59
N LYS B 115 6.64 -2.15 -16.36
CA LYS B 115 5.66 -2.80 -17.21
C LYS B 115 4.46 -1.86 -17.36
N VAL B 116 3.86 -1.86 -18.56
CA VAL B 116 2.64 -1.09 -18.76
C VAL B 116 1.57 -1.64 -17.83
N GLY B 117 1.01 -0.78 -16.99
CA GLY B 117 0.14 -1.23 -15.94
C GLY B 117 0.86 -1.60 -14.66
N GLY B 118 2.12 -1.21 -14.52
CA GLY B 118 2.84 -1.36 -13.27
C GLY B 118 3.58 -2.66 -13.11
N ASN B 119 4.87 -2.60 -12.80
CA ASN B 119 5.62 -3.73 -12.28
C ASN B 119 5.59 -3.63 -10.76
N TYR B 120 5.22 -4.73 -10.10
CA TYR B 120 4.94 -4.75 -8.66
C TYR B 120 5.88 -5.66 -7.90
N ASN B 121 6.87 -6.25 -8.56
CA ASN B 121 7.69 -7.29 -7.95
C ASN B 121 8.84 -6.75 -7.12
N TYR B 122 9.20 -5.48 -7.28
CA TYR B 122 10.25 -4.86 -6.48
C TYR B 122 9.66 -4.27 -5.22
N LEU B 123 10.31 -4.53 -4.09
CA LEU B 123 9.81 -4.14 -2.78
C LEU B 123 10.88 -3.39 -2.01
N TYR B 124 10.44 -2.68 -0.97
CA TYR B 124 11.33 -2.05 0.00
C TYR B 124 10.71 -2.20 1.38
N ARG B 125 11.56 -2.14 2.40
CA ARG B 125 11.09 -2.17 3.77
C ARG B 125 10.65 -0.77 4.17
N LEU B 126 9.39 -0.64 4.59
CA LEU B 126 8.81 0.64 4.97
C LEU B 126 8.81 0.86 6.48
N PHE B 127 8.74 -0.21 7.27
CA PHE B 127 8.69 -0.13 8.71
C PHE B 127 9.80 -0.98 9.32
N ARG B 128 10.43 -0.46 10.37
CA ARG B 128 11.44 -1.20 11.11
C ARG B 128 11.64 -0.56 12.47
N LYS B 129 11.88 -1.38 13.48
CA LYS B 129 12.02 -0.88 14.85
C LYS B 129 13.25 0.02 14.99
N SER B 130 14.34 -0.33 14.30
CA SER B 130 15.59 0.41 14.41
C SER B 130 16.21 0.55 13.03
N ASN B 131 17.13 1.51 12.92
CA ASN B 131 17.87 1.70 11.68
C ASN B 131 18.88 0.57 11.48
N LEU B 132 19.08 0.20 10.22
CA LEU B 132 20.10 -0.78 9.89
C LEU B 132 21.48 -0.25 10.25
N LYS B 133 22.35 -1.16 10.67
CA LYS B 133 23.76 -0.85 10.75
C LYS B 133 24.36 -0.83 9.34
N PRO B 134 25.52 -0.21 9.17
CA PRO B 134 26.14 -0.18 7.84
C PRO B 134 26.32 -1.58 7.27
N PHE B 135 25.84 -1.77 6.04
CA PHE B 135 25.97 -3.02 5.29
C PHE B 135 25.16 -4.16 5.89
N GLU B 136 24.20 -3.86 6.76
CA GLU B 136 23.35 -4.90 7.33
C GLU B 136 22.24 -5.25 6.35
N ARG B 137 21.92 -6.55 6.27
CA ARG B 137 20.80 -7.05 5.50
C ARG B 137 19.68 -7.50 6.43
N ASP B 138 18.44 -7.20 6.06
CA ASP B 138 17.27 -7.65 6.80
C ASP B 138 16.20 -8.07 5.80
N THR B 139 15.97 -9.38 5.70
CA THR B 139 14.99 -9.94 4.78
C THR B 139 13.81 -10.57 5.52
N SER B 140 13.68 -10.31 6.82
CA SER B 140 12.59 -10.90 7.59
C SER B 140 11.25 -10.24 7.22
N THR B 141 10.17 -10.99 7.45
CA THR B 141 8.81 -10.50 7.22
C THR B 141 7.98 -10.58 8.49
N GLU B 142 8.63 -10.44 9.66
CA GLU B 142 7.89 -10.38 10.91
C GLU B 142 7.02 -9.13 10.93
N ILE B 143 5.88 -9.23 11.62
CA ILE B 143 4.97 -8.11 11.69
C ILE B 143 5.59 -6.98 12.51
N TYR B 144 5.50 -5.76 12.00
CA TYR B 144 6.11 -4.61 12.64
C TYR B 144 5.22 -4.11 13.77
N GLN B 145 5.79 -4.04 14.97
CA GLN B 145 5.06 -3.59 16.16
C GLN B 145 5.15 -2.07 16.22
N ALA B 146 4.14 -1.39 15.69
CA ALA B 146 4.17 0.06 15.63
C ALA B 146 3.92 0.70 16.98
N GLY B 147 3.19 0.01 17.87
CA GLY B 147 2.92 0.52 19.20
C GLY B 147 3.57 -0.31 20.28
N SER B 148 2.98 -0.32 21.48
CA SER B 148 3.50 -1.08 22.59
C SER B 148 2.83 -2.43 22.78
N THR B 149 1.74 -2.70 22.07
CA THR B 149 1.04 -3.96 22.22
C THR B 149 1.72 -5.03 21.36
N PRO B 150 2.02 -6.21 21.91
CA PRO B 150 2.61 -7.26 21.08
C PRO B 150 1.69 -7.65 19.94
N CYS B 151 2.29 -7.93 18.78
CA CYS B 151 1.53 -8.35 17.62
C CYS B 151 1.33 -9.85 17.56
N ASN B 152 2.23 -10.62 18.18
CA ASN B 152 2.13 -12.08 18.21
C ASN B 152 1.94 -12.65 16.81
N GLY B 153 2.61 -12.03 15.83
CA GLY B 153 2.60 -12.51 14.46
C GLY B 153 1.37 -12.17 13.66
N VAL B 154 0.48 -11.32 14.18
CA VAL B 154 -0.83 -11.09 13.59
C VAL B 154 -0.89 -9.67 13.06
N GLU B 155 -1.33 -9.53 11.80
CA GLU B 155 -1.56 -8.22 11.22
C GLU B 155 -2.82 -7.61 11.82
N GLY B 156 -2.73 -6.36 12.23
CA GLY B 156 -3.86 -5.67 12.82
C GLY B 156 -3.54 -4.27 13.29
N PHE B 157 -4.25 -3.80 14.31
CA PHE B 157 -4.03 -2.45 14.82
C PHE B 157 -2.60 -2.28 15.31
N ASN B 158 -1.91 -1.26 14.78
CA ASN B 158 -0.52 -0.99 15.11
C ASN B 158 0.41 -2.17 14.82
N CYS B 159 0.01 -3.05 13.90
CA CYS B 159 0.77 -4.26 13.58
C CYS B 159 0.77 -4.43 12.06
N TYR B 160 1.87 -4.01 11.43
CA TYR B 160 1.93 -3.83 9.99
C TYR B 160 2.86 -4.83 9.34
N PHE B 161 2.46 -5.38 8.20
CA PHE B 161 3.40 -6.06 7.33
C PHE B 161 4.48 -5.07 6.94
N PRO B 162 5.76 -5.41 7.06
CA PRO B 162 6.81 -4.38 6.97
C PRO B 162 7.23 -3.99 5.56
N LEU B 163 6.87 -4.76 4.53
CA LEU B 163 7.34 -4.50 3.18
C LEU B 163 6.26 -3.81 2.35
N GLN B 164 6.72 -3.02 1.37
CA GLN B 164 5.86 -2.27 0.47
C GLN B 164 6.41 -2.41 -0.95
N SER B 165 5.50 -2.42 -1.92
CA SER B 165 5.88 -2.62 -3.31
C SER B 165 6.04 -1.29 -4.03
N TYR B 166 7.10 -1.17 -4.81
CA TYR B 166 7.23 -0.09 -5.76
C TYR B 166 6.20 -0.23 -6.88
N GLY B 167 5.73 0.89 -7.40
CA GLY B 167 4.85 0.89 -8.55
C GLY B 167 5.55 1.48 -9.76
N PHE B 168 6.24 0.63 -10.52
CA PHE B 168 7.09 1.08 -11.62
C PHE B 168 6.28 1.02 -12.91
N GLN B 169 5.80 2.18 -13.36
CA GLN B 169 5.07 2.31 -14.61
C GLN B 169 5.86 3.16 -15.60
N PRO B 170 5.91 2.77 -16.87
CA PRO B 170 6.68 3.57 -17.85
C PRO B 170 6.37 5.06 -17.83
N THR B 171 5.12 5.44 -17.54
CA THR B 171 4.73 6.84 -17.58
C THR B 171 5.13 7.62 -16.33
N ASN B 172 5.61 6.94 -15.30
CA ASN B 172 6.05 7.63 -14.09
C ASN B 172 7.10 8.68 -14.41
N GLY B 173 7.12 9.75 -13.62
CA GLY B 173 8.20 10.71 -13.70
C GLY B 173 9.53 10.08 -13.39
N VAL B 174 10.60 10.73 -13.85
CA VAL B 174 11.95 10.17 -13.72
C VAL B 174 12.24 9.83 -12.25
N GLY B 175 11.86 10.72 -11.34
CA GLY B 175 12.11 10.47 -9.93
C GLY B 175 11.43 9.22 -9.40
N TYR B 176 10.39 8.75 -10.07
CA TYR B 176 9.67 7.55 -9.67
C TYR B 176 9.99 6.35 -10.55
N GLN B 177 10.92 6.49 -11.50
CA GLN B 177 11.31 5.37 -12.34
C GLN B 177 12.31 4.47 -11.61
N PRO B 178 12.41 3.21 -12.03
CA PRO B 178 13.39 2.31 -11.39
C PRO B 178 14.80 2.60 -11.85
N TYR B 179 15.73 2.55 -10.89
CA TYR B 179 17.15 2.69 -11.15
C TYR B 179 17.88 1.49 -10.57
N ARG B 180 18.73 0.87 -11.37
CA ARG B 180 19.59 -0.21 -10.89
C ARG B 180 20.85 0.40 -10.30
N VAL B 181 21.25 -0.09 -9.13
CA VAL B 181 22.36 0.47 -8.38
C VAL B 181 23.36 -0.63 -8.09
N VAL B 182 24.65 -0.31 -8.23
CA VAL B 182 25.74 -1.18 -7.83
C VAL B 182 26.65 -0.38 -6.91
N VAL B 183 26.93 -0.92 -5.73
CA VAL B 183 27.81 -0.29 -4.75
C VAL B 183 29.07 -1.14 -4.65
N LEU B 184 30.22 -0.53 -4.92
CA LEU B 184 31.51 -1.20 -4.82
C LEU B 184 32.21 -0.73 -3.56
N SER B 185 32.53 -1.67 -2.68
CA SER B 185 33.23 -1.41 -1.44
C SER B 185 34.65 -1.96 -1.53
N PHE B 186 35.63 -1.09 -1.35
CA PHE B 186 37.04 -1.47 -1.42
C PHE B 186 37.60 -1.53 0.00
N GLU B 187 37.91 -2.73 0.46
CA GLU B 187 38.36 -2.95 1.83
C GLU B 187 39.82 -3.36 1.85
N LEU B 188 40.56 -2.83 2.82
CA LEU B 188 42.00 -3.07 2.97
C LEU B 188 42.24 -3.47 4.42
N LEU B 189 42.14 -4.77 4.70
CA LEU B 189 42.39 -5.28 6.04
C LEU B 189 43.87 -5.57 6.23
N ASP B 190 44.24 -5.89 7.47
CA ASP B 190 45.61 -6.30 7.79
C ASP B 190 45.79 -7.75 7.31
N ALA B 191 45.80 -7.90 5.99
CA ALA B 191 45.88 -9.20 5.35
C ALA B 191 46.27 -8.99 3.89
N PRO B 192 46.79 -10.04 3.24
CA PRO B 192 47.32 -9.88 1.87
C PRO B 192 46.30 -9.25 0.95
N PRO B 193 46.67 -8.20 0.20
CA PRO B 193 45.84 -7.77 -0.92
C PRO B 193 45.69 -8.87 -1.96
N THR B 194 44.52 -8.90 -2.60
CA THR B 194 44.24 -9.90 -3.63
C THR B 194 43.49 -9.37 -4.83
N VAL B 195 42.99 -8.14 -4.81
CA VAL B 195 42.21 -7.57 -5.91
C VAL B 195 42.91 -6.29 -6.34
N CYS B 196 43.49 -6.30 -7.55
CA CYS B 196 44.31 -5.21 -8.04
C CYS B 196 43.70 -4.60 -9.30
N GLY B 197 43.70 -3.26 -9.35
CA GLY B 197 43.32 -2.58 -10.57
C GLY B 197 44.45 -2.51 -11.57
N THR B 198 44.07 -2.38 -12.84
CA THR B 198 45.05 -2.34 -13.93
C THR B 198 44.75 -1.22 -14.92
#